data_5I85
#
_entry.id   5I85
#
_cell.length_a   131.601
_cell.length_b   131.601
_cell.length_c   188.573
_cell.angle_alpha   90.00
_cell.angle_beta   90.00
_cell.angle_gamma   120.00
#
_symmetry.space_group_name_H-M   'P 64 2 2'
#
loop_
_entity.id
_entity.type
_entity.pdbx_description
1 polymer 'Sphingomyelin phosphodiesterase'
2 branched beta-D-mannopyranose-(1-4)-2-acetamido-2-deoxy-beta-D-glucopyranose-(1-4)-2-acetamido-2-deoxy-beta-D-glucopyranose
3 branched alpha-D-mannopyranose-(1-3)-alpha-D-mannopyranose-(1-6)-beta-D-mannopyranose-(1-4)-2-acetamido-2-deoxy-beta-D-glucopyranose-(1-4)-2-acetamido-2-deoxy-beta-D-glucopyranose
4 branched 2-acetamido-2-deoxy-beta-D-glucopyranose-(1-4)-2-acetamido-2-deoxy-beta-D-glucopyranose
5 non-polymer 2-acetamido-2-deoxy-beta-D-glucopyranose
6 non-polymer 'ZINC ION'
7 non-polymer 'SULFATE ION'
8 non-polymer PHOSPHOCHOLINE
9 water water
#
_entity_poly.entity_id   1
_entity_poly.type   'polypeptide(L)'
_entity_poly.pdbx_seq_one_letter_code
;LSDSRVLWAPAEAHPLSPQGHPARLHRIVPRLRDVFGWGNLTCPICKGLFTAINLGLKKEPNVARVGSVAIKLCNLLKIA
PPAVCQSIVHLFEDDMVEVWRRSVLSPSEACGLLLGSTCGHWDIFSSWNISLPTVPKPPPKPPSPPAPGAPVSRILFLTD
LHWDHDYLEGTDPDCADPLCCRRGSGLPPASRPGAGYWGEYSKCDLPLRTLESLLSGLGPAGPFDMVYWTGDIPAHDVWH
QTRQDQLRALTTVTALVRKFLGPVPVYPAVGNHESTPVNSFPPPFIEGNHSSRWLYEAMAKAWEPWLPAEALRTLRIGGF
YALSPYPGLRLISLNMNFCSRENFWLLINSTDPAGQLQWLVGELQAAEDRGDKVHIIGHIPPGHCLKSWSWNYYRIVARY
ENTLAAQFFGHTHVDEFEVFYDEETLSRPLAVAFLAPSATTYIGLNPGYRVYQIDGNYSGSSHVVLDHETYILNLTQANI
PGAIPHWQLLYRARETYGLPNTLPTAWHNLVYRMRGDMQLFQTFWFLYHKGHPPSEPCGTPCRLATLCAQLSARADSPAL
CRHLMPDGSLPEAQSLWPRPLFC
;
_entity_poly.pdbx_strand_id   A
#
loop_
_chem_comp.id
_chem_comp.type
_chem_comp.name
_chem_comp.formula
BMA D-saccharide, beta linking beta-D-mannopyranose 'C6 H12 O6'
MAN D-saccharide, alpha linking alpha-D-mannopyranose 'C6 H12 O6'
NAG D-saccharide, beta linking 2-acetamido-2-deoxy-beta-D-glucopyranose 'C8 H15 N O6'
PC non-polymer PHOSPHOCHOLINE 'C5 H15 N O4 P 1'
SO4 non-polymer 'SULFATE ION' 'O4 S -2'
ZN non-polymer 'ZINC ION' 'Zn 2'
#
# COMPACT_ATOMS: atom_id res chain seq x y z
N TRP A 38 46.86 -12.95 22.16
CA TRP A 38 46.57 -13.42 20.81
C TRP A 38 45.12 -13.14 20.44
N GLY A 39 44.82 -11.86 20.23
CA GLY A 39 43.52 -11.47 19.70
C GLY A 39 43.31 -11.78 18.23
N ASN A 40 44.26 -12.48 17.60
CA ASN A 40 44.09 -12.95 16.23
C ASN A 40 43.01 -14.03 16.13
N LEU A 41 42.47 -14.50 17.26
CA LEU A 41 41.47 -15.55 17.28
C LEU A 41 40.05 -15.03 17.45
N THR A 42 39.87 -13.74 17.69
CA THR A 42 38.53 -13.22 17.96
C THR A 42 37.60 -13.44 16.77
N CYS A 43 38.10 -13.18 15.56
CA CYS A 43 37.28 -13.40 14.38
C CYS A 43 36.99 -14.87 14.12
N PRO A 44 37.99 -15.78 14.14
CA PRO A 44 37.66 -17.21 14.13
C PRO A 44 36.57 -17.64 15.11
N ILE A 45 36.66 -17.25 16.38
CA ILE A 45 35.69 -17.73 17.37
C ILE A 45 34.32 -17.14 17.09
N CYS A 46 34.26 -15.84 16.74
CA CYS A 46 32.99 -15.19 16.41
C CYS A 46 32.28 -15.92 15.29
N LYS A 47 33.01 -16.20 14.20
CA LYS A 47 32.41 -16.91 13.10
C LYS A 47 32.00 -18.32 13.53
N GLY A 48 32.80 -18.95 14.39
CA GLY A 48 32.41 -20.25 14.91
C GLY A 48 31.14 -20.18 15.75
N LEU A 49 30.99 -19.10 16.52
CA LEU A 49 29.78 -18.93 17.32
C LEU A 49 28.53 -18.88 16.44
N PHE A 50 28.49 -17.95 15.49
CA PHE A 50 27.31 -17.77 14.67
C PHE A 50 27.12 -18.90 13.64
N THR A 51 28.19 -19.62 13.31
CA THR A 51 28.02 -20.84 12.51
C THR A 51 27.27 -21.90 13.32
N ALA A 52 27.62 -22.04 14.59
CA ALA A 52 26.86 -22.93 15.47
C ALA A 52 25.44 -22.38 15.69
N ILE A 53 25.30 -21.06 15.83
CA ILE A 53 23.98 -20.45 15.95
C ILE A 53 23.10 -20.86 14.76
N ASN A 54 23.63 -20.69 13.55
CA ASN A 54 22.89 -21.02 12.33
C ASN A 54 22.41 -22.47 12.33
N LEU A 55 23.31 -23.41 12.62
CA LEU A 55 22.94 -24.82 12.60
C LEU A 55 21.89 -25.16 13.66
N GLY A 56 22.02 -24.57 14.85
CA GLY A 56 21.04 -24.81 15.89
C GLY A 56 19.66 -24.29 15.53
N LEU A 57 19.60 -23.11 14.90
CA LEU A 57 18.30 -22.52 14.62
C LEU A 57 17.58 -23.19 13.45
N LYS A 58 18.24 -24.08 12.72
CA LYS A 58 17.54 -24.87 11.71
C LYS A 58 16.70 -25.97 12.33
N LYS A 59 16.99 -26.37 13.56
CA LYS A 59 16.27 -27.44 14.23
C LYS A 59 14.92 -26.92 14.72
N GLU A 60 13.84 -27.60 14.31
CA GLU A 60 12.51 -27.15 14.67
C GLU A 60 12.28 -27.08 16.19
N PRO A 61 12.77 -28.01 17.01
CA PRO A 61 12.61 -27.81 18.47
C PRO A 61 13.32 -26.57 18.98
N ASN A 62 14.40 -26.14 18.32
CA ASN A 62 15.01 -24.85 18.65
C ASN A 62 14.10 -23.71 18.26
N VAL A 63 13.47 -23.81 17.09
CA VAL A 63 12.53 -22.78 16.65
C VAL A 63 11.37 -22.68 17.64
N ALA A 64 10.88 -23.83 18.11
CA ALA A 64 9.78 -23.81 19.08
C ALA A 64 10.21 -23.14 20.37
N ARG A 65 11.45 -23.40 20.81
CA ARG A 65 12.01 -22.70 21.96
C ARG A 65 11.98 -21.19 21.75
N VAL A 66 12.39 -20.72 20.57
CA VAL A 66 12.29 -19.30 20.25
C VAL A 66 10.85 -18.81 20.39
N GLY A 67 9.90 -19.58 19.86
CA GLY A 67 8.51 -19.16 19.92
C GLY A 67 7.95 -19.09 21.33
N SER A 68 8.36 -20.03 22.19
CA SER A 68 7.79 -20.12 23.54
C SER A 68 8.16 -18.90 24.39
N VAL A 69 9.46 -18.57 24.42
CA VAL A 69 9.89 -17.38 25.13
C VAL A 69 9.22 -16.14 24.54
N ALA A 70 9.15 -16.07 23.21
CA ALA A 70 8.57 -14.90 22.57
C ALA A 70 7.12 -14.73 22.98
N ILE A 71 6.39 -15.84 23.15
CA ILE A 71 4.98 -15.76 23.52
C ILE A 71 4.84 -15.26 24.96
N LYS A 72 5.72 -15.73 25.85
CA LYS A 72 5.63 -15.30 27.24
C LYS A 72 5.95 -13.82 27.36
N LEU A 73 6.87 -13.30 26.55
CA LEU A 73 7.11 -11.87 26.53
C LEU A 73 5.94 -11.12 25.92
N CYS A 74 5.32 -11.71 24.90
CA CYS A 74 4.10 -11.14 24.33
C CYS A 74 3.01 -11.03 25.38
N ASN A 75 2.87 -12.07 26.21
CA ASN A 75 1.88 -12.01 27.29
C ASN A 75 2.31 -11.04 28.38
N LEU A 76 3.61 -11.04 28.69
CA LEU A 76 4.10 -10.19 29.77
C LEU A 76 3.97 -8.73 29.42
N LEU A 77 4.37 -8.36 28.21
CA LEU A 77 4.22 -6.99 27.73
C LEU A 77 2.80 -6.69 27.28
N LYS A 78 1.83 -7.55 27.65
CA LYS A 78 0.42 -7.38 27.35
C LYS A 78 0.16 -6.80 25.96
N ILE A 79 0.93 -7.27 24.97
CA ILE A 79 0.78 -6.81 23.60
C ILE A 79 -0.62 -7.13 23.08
N ALA A 80 -1.13 -8.30 23.41
CA ALA A 80 -2.42 -8.80 22.93
C ALA A 80 -2.91 -9.87 23.89
N PRO A 81 -4.17 -10.31 23.75
CA PRO A 81 -4.66 -11.47 24.54
C PRO A 81 -3.77 -12.69 24.36
N PRO A 82 -3.72 -13.58 25.37
CA PRO A 82 -2.84 -14.76 25.25
C PRO A 82 -3.14 -15.63 24.04
N ALA A 83 -4.41 -15.75 23.66
CA ALA A 83 -4.75 -16.51 22.46
C ALA A 83 -4.05 -15.93 21.23
N VAL A 84 -4.15 -14.61 21.05
CA VAL A 84 -3.51 -13.97 19.90
C VAL A 84 -1.99 -14.06 20.00
N CYS A 85 -1.44 -13.86 21.20
CA CYS A 85 0.01 -13.91 21.37
C CYS A 85 0.56 -15.24 20.88
N GLN A 86 -0.02 -16.35 21.36
CA GLN A 86 0.45 -17.67 20.97
C GLN A 86 0.23 -17.94 19.49
N SER A 87 -0.92 -17.54 18.93
CA SER A 87 -1.20 -17.86 17.53
C SER A 87 -0.24 -17.12 16.60
N ILE A 88 -0.03 -15.82 16.85
CA ILE A 88 0.74 -15.03 15.90
C ILE A 88 2.22 -15.41 15.95
N VAL A 89 2.74 -15.76 17.12
CA VAL A 89 4.13 -16.19 17.18
C VAL A 89 4.30 -17.52 16.45
N HIS A 90 3.39 -18.46 16.68
CA HIS A 90 3.47 -19.74 15.97
C HIS A 90 3.39 -19.54 14.46
N LEU A 91 2.54 -18.61 14.01
CA LEU A 91 2.43 -18.35 12.58
C LEU A 91 3.70 -17.70 12.03
N PHE A 92 4.30 -16.80 12.79
CA PHE A 92 5.46 -16.05 12.31
C PHE A 92 6.78 -16.76 12.51
N GLU A 93 6.89 -17.67 13.48
CA GLU A 93 8.21 -18.08 13.99
C GLU A 93 9.07 -18.74 12.90
N ASP A 94 8.48 -19.58 12.06
CA ASP A 94 9.27 -20.30 11.06
C ASP A 94 9.97 -19.36 10.11
N ASP A 95 9.21 -18.46 9.47
CA ASP A 95 9.79 -17.54 8.50
C ASP A 95 10.71 -16.53 9.14
N MET A 96 10.37 -16.08 10.35
CA MET A 96 11.17 -15.03 10.96
C MET A 96 12.51 -15.59 11.47
N VAL A 97 12.49 -16.75 12.11
CA VAL A 97 13.75 -17.35 12.56
C VAL A 97 14.68 -17.61 11.39
N GLU A 98 14.12 -18.06 10.26
CA GLU A 98 14.94 -18.32 9.08
C GLU A 98 15.59 -17.05 8.57
N VAL A 99 14.82 -15.96 8.48
CA VAL A 99 15.37 -14.71 7.98
C VAL A 99 16.48 -14.20 8.90
N TRP A 100 16.24 -14.22 10.21
CA TRP A 100 17.27 -13.80 11.16
C TRP A 100 18.51 -14.67 11.04
N ARG A 101 18.31 -15.98 10.91
CA ARG A 101 19.40 -16.93 10.69
C ARG A 101 20.25 -16.54 9.48
N ARG A 102 19.62 -16.01 8.43
CA ARG A 102 20.27 -15.74 7.17
C ARG A 102 20.71 -14.29 7.01
N SER A 103 20.43 -13.43 7.99
CA SER A 103 20.75 -12.02 7.85
C SER A 103 21.48 -11.51 9.09
N VAL A 104 20.71 -11.11 10.10
CA VAL A 104 21.29 -10.51 11.30
C VAL A 104 22.20 -11.49 12.04
N LEU A 105 21.92 -12.79 11.98
CA LEU A 105 22.69 -13.77 12.73
C LEU A 105 23.66 -14.57 11.86
N SER A 106 23.72 -14.31 10.55
CA SER A 106 24.67 -15.03 9.72
C SER A 106 26.10 -14.60 10.08
N PRO A 107 27.07 -15.53 10.06
CA PRO A 107 28.39 -15.20 10.61
C PRO A 107 29.07 -14.02 9.93
N SER A 108 28.98 -13.92 8.61
CA SER A 108 29.59 -12.79 7.91
C SER A 108 29.00 -11.45 8.34
N GLU A 109 27.70 -11.42 8.68
CA GLU A 109 27.05 -10.17 9.05
C GLU A 109 27.29 -9.80 10.50
N ALA A 110 27.01 -10.71 11.42
CA ALA A 110 27.07 -10.40 12.85
C ALA A 110 28.49 -10.03 13.26
N CYS A 111 29.46 -10.78 12.75
CA CYS A 111 30.85 -10.61 13.12
C CYS A 111 31.42 -9.39 12.44
N GLY A 112 30.86 -9.03 11.29
CA GLY A 112 31.18 -7.75 10.69
C GLY A 112 30.70 -6.58 11.53
N LEU A 113 29.47 -6.64 12.03
CA LEU A 113 29.00 -5.60 12.94
C LEU A 113 29.84 -5.54 14.22
N LEU A 114 30.14 -6.70 14.82
CA LEU A 114 30.76 -6.72 16.15
C LEU A 114 32.26 -6.44 16.09
N LEU A 115 32.94 -6.95 15.07
CA LEU A 115 34.38 -6.87 15.00
C LEU A 115 34.88 -6.05 13.82
N GLY A 116 33.98 -5.55 12.99
CA GLY A 116 34.35 -4.62 11.94
C GLY A 116 34.63 -5.31 10.62
N SER A 117 34.92 -4.45 9.63
CA SER A 117 35.17 -4.90 8.26
C SER A 117 36.28 -5.94 8.17
N THR A 118 37.14 -6.02 9.18
CA THR A 118 38.23 -6.98 9.13
C THR A 118 37.72 -8.42 9.19
N CYS A 119 36.67 -8.66 9.98
CA CYS A 119 36.16 -10.01 10.18
C CYS A 119 35.10 -10.36 9.16
N GLY A 120 34.01 -9.62 9.14
CA GLY A 120 32.96 -9.86 8.17
C GLY A 120 32.57 -8.59 7.44
N HIS A 121 31.28 -8.47 7.17
CA HIS A 121 30.75 -7.34 6.42
C HIS A 121 29.27 -7.22 6.74
N TRP A 122 28.93 -6.20 7.53
CA TRP A 122 27.55 -5.90 7.89
C TRP A 122 26.98 -4.93 6.86
N ASP A 123 25.97 -5.37 6.10
CA ASP A 123 25.42 -4.56 5.02
C ASP A 123 23.90 -4.59 5.04
N ILE A 124 23.32 -4.77 6.22
CA ILE A 124 21.87 -4.90 6.33
C ILE A 124 21.25 -3.54 6.05
N PHE A 125 20.35 -3.50 5.07
CA PHE A 125 19.72 -2.25 4.64
C PHE A 125 20.74 -1.22 4.16
N SER A 126 21.87 -1.68 3.60
CA SER A 126 22.85 -0.73 3.08
C SER A 126 22.25 0.05 1.89
N SER A 127 22.77 1.25 1.69
CA SER A 127 22.28 2.09 0.59
C SER A 127 22.61 1.44 -0.75
N TRP A 128 21.74 1.68 -1.73
CA TRP A 128 21.90 1.18 -3.08
C TRP A 128 21.26 2.17 -4.05
N ASN A 129 21.68 2.10 -5.31
CA ASN A 129 21.19 2.99 -6.35
C ASN A 129 21.01 2.18 -7.63
N ILE A 130 19.91 2.44 -8.34
CA ILE A 130 19.70 1.88 -9.68
C ILE A 130 20.36 2.78 -10.71
N SER A 131 20.33 2.38 -11.97
CA SER A 131 21.02 3.10 -13.03
C SER A 131 20.01 3.75 -13.96
N LEU A 132 20.17 5.02 -14.16
CA LEU A 132 19.39 5.67 -15.20
C LEU A 132 20.13 5.58 -16.53
N PRO A 133 19.39 5.43 -17.63
CA PRO A 133 20.02 5.39 -18.95
C PRO A 133 20.61 6.73 -19.31
N THR A 134 21.56 6.70 -20.24
CA THR A 134 22.29 7.90 -20.62
C THR A 134 21.49 8.81 -21.59
N VAL A 135 20.23 8.49 -21.84
CA VAL A 135 19.39 9.39 -22.66
C VAL A 135 19.24 10.74 -21.95
N PRO A 136 19.52 11.86 -22.61
CA PRO A 136 19.35 13.16 -21.97
C PRO A 136 17.90 13.39 -21.54
N LYS A 137 17.74 13.96 -20.35
CA LYS A 137 16.41 14.27 -19.84
C LYS A 137 15.77 15.37 -20.67
N PRO A 138 14.61 15.14 -21.28
CA PRO A 138 13.94 16.22 -22.03
C PRO A 138 13.63 17.40 -21.15
N PRO A 139 13.43 18.58 -21.73
CA PRO A 139 13.11 19.75 -20.91
C PRO A 139 11.79 19.57 -20.19
N PRO A 140 11.71 20.01 -18.94
CA PRO A 140 10.47 19.86 -18.16
C PRO A 140 9.29 20.56 -18.83
N LYS A 141 8.19 19.85 -18.92
CA LYS A 141 7.05 20.34 -19.69
C LYS A 141 5.76 19.96 -18.95
N PRO A 142 4.99 20.92 -18.47
CA PRO A 142 3.72 20.59 -17.81
C PRO A 142 2.72 20.03 -18.80
N PRO A 143 1.75 19.24 -18.35
CA PRO A 143 0.72 18.74 -19.27
C PRO A 143 -0.07 19.89 -19.89
N SER A 144 -0.43 19.74 -21.16
CA SER A 144 -1.23 20.76 -21.83
C SER A 144 -2.67 20.72 -21.35
N PRO A 145 -3.32 21.86 -21.22
CA PRO A 145 -4.76 21.86 -20.95
C PRO A 145 -5.48 21.08 -22.04
N PRO A 146 -6.40 20.19 -21.68
CA PRO A 146 -7.12 19.45 -22.70
C PRO A 146 -7.94 20.40 -23.54
N ALA A 147 -8.08 20.07 -24.83
CA ALA A 147 -8.90 20.86 -25.73
C ALA A 147 -10.39 20.75 -25.35
N PRO A 148 -11.20 21.75 -25.70
CA PRO A 148 -12.64 21.66 -25.41
C PRO A 148 -13.27 20.41 -26.00
N GLY A 149 -14.08 19.74 -25.20
CA GLY A 149 -14.75 18.52 -25.62
C GLY A 149 -13.84 17.32 -25.81
N ALA A 150 -12.60 17.37 -25.35
CA ALA A 150 -11.71 16.23 -25.51
C ALA A 150 -12.23 15.03 -24.72
N PRO A 151 -11.93 13.81 -25.17
CA PRO A 151 -12.40 12.61 -24.46
C PRO A 151 -11.88 12.54 -23.02
N VAL A 152 -12.75 12.08 -22.11
CA VAL A 152 -12.42 11.91 -20.71
C VAL A 152 -12.65 10.45 -20.33
N SER A 153 -11.59 9.81 -19.83
CA SER A 153 -11.63 8.43 -19.37
C SER A 153 -11.95 8.40 -17.87
N ARG A 154 -12.88 7.52 -17.47
CA ARG A 154 -13.29 7.41 -16.07
C ARG A 154 -12.71 6.12 -15.48
N ILE A 155 -11.96 6.25 -14.40
CA ILE A 155 -11.29 5.13 -13.74
C ILE A 155 -11.89 4.95 -12.34
N LEU A 156 -12.44 3.75 -12.08
CA LEU A 156 -12.82 3.38 -10.72
C LEU A 156 -11.59 2.93 -9.96
N PHE A 157 -11.45 3.42 -8.72
CA PHE A 157 -10.30 3.10 -7.89
C PHE A 157 -10.76 2.44 -6.59
N LEU A 158 -10.39 1.17 -6.41
CA LEU A 158 -10.72 0.39 -5.23
C LEU A 158 -9.44 -0.01 -4.51
N THR A 159 -9.41 0.18 -3.20
CA THR A 159 -8.22 -0.20 -2.43
C THR A 159 -8.62 -0.54 -1.00
N ASP A 160 -7.86 -1.45 -0.39
CA ASP A 160 -8.01 -1.82 1.02
C ASP A 160 -9.46 -2.23 1.33
N LEU A 161 -9.89 -3.28 0.63
CA LEU A 161 -11.24 -3.76 0.86
C LEU A 161 -11.33 -4.56 2.16
N HIS A 162 -10.27 -5.29 2.52
CA HIS A 162 -10.15 -6.01 3.79
C HIS A 162 -11.45 -6.74 4.17
N TRP A 163 -11.81 -7.71 3.34
CA TRP A 163 -12.96 -8.55 3.64
C TRP A 163 -12.66 -9.40 4.87
N ASP A 164 -13.56 -9.36 5.85
CA ASP A 164 -13.43 -10.20 7.02
C ASP A 164 -14.48 -11.31 6.96
N HIS A 165 -14.04 -12.51 6.57
CA HIS A 165 -14.95 -13.64 6.46
C HIS A 165 -15.70 -13.91 7.75
N ASP A 166 -15.16 -13.51 8.90
CA ASP A 166 -15.80 -13.82 10.17
C ASP A 166 -16.53 -12.64 10.80
N TYR A 167 -16.73 -11.54 10.07
CA TYR A 167 -17.53 -10.42 10.59
C TYR A 167 -18.84 -10.93 11.16
N LEU A 168 -19.22 -10.39 12.32
CA LEU A 168 -20.45 -10.81 12.99
C LEU A 168 -21.10 -9.58 13.63
N GLU A 169 -22.27 -9.23 13.12
CA GLU A 169 -23.10 -8.18 13.69
C GLU A 169 -23.38 -8.45 15.16
N GLY A 170 -23.55 -7.38 15.94
CA GLY A 170 -23.87 -7.49 17.34
C GLY A 170 -22.72 -7.79 18.26
N THR A 171 -21.57 -8.22 17.73
CA THR A 171 -20.44 -8.52 18.60
C THR A 171 -19.74 -7.23 19.03
N ASP A 172 -18.75 -7.39 19.91
CA ASP A 172 -18.11 -6.24 20.55
C ASP A 172 -17.22 -5.51 19.56
N PRO A 173 -17.47 -4.21 19.30
CA PRO A 173 -16.52 -3.46 18.47
C PRO A 173 -15.27 -3.06 19.23
N ASP A 174 -15.33 -2.98 20.56
CA ASP A 174 -14.16 -2.59 21.34
C ASP A 174 -13.61 -3.78 22.11
N CYS A 175 -13.33 -4.89 21.43
CA CYS A 175 -12.85 -6.10 22.08
C CYS A 175 -11.35 -6.00 22.34
N ALA A 176 -10.78 -7.04 22.93
CA ALA A 176 -9.38 -7.00 23.34
C ALA A 176 -8.42 -7.45 22.25
N ASP A 177 -8.93 -8.05 21.19
CA ASP A 177 -8.10 -8.48 20.07
C ASP A 177 -7.77 -7.30 19.17
N PRO A 178 -6.72 -7.43 18.35
CA PRO A 178 -6.40 -6.37 17.37
C PRO A 178 -7.47 -6.17 16.30
N LEU A 179 -8.45 -7.07 16.17
CA LEU A 179 -9.54 -6.89 15.23
C LEU A 179 -10.79 -7.41 15.91
N CYS A 180 -11.90 -6.67 15.79
CA CYS A 180 -13.11 -7.00 16.52
C CYS A 180 -14.28 -7.15 15.55
N CYS A 181 -15.49 -6.97 16.06
CA CYS A 181 -16.74 -7.13 15.31
C CYS A 181 -16.83 -8.48 14.62
N ARG A 182 -16.19 -9.51 15.14
CA ARG A 182 -16.10 -10.77 14.43
C ARG A 182 -16.37 -11.91 15.38
N ARG A 183 -16.40 -13.12 14.82
CA ARG A 183 -16.54 -14.30 15.65
C ARG A 183 -15.34 -14.42 16.58
N GLY A 184 -15.60 -14.71 17.86
CA GLY A 184 -14.58 -14.73 18.87
C GLY A 184 -14.30 -13.40 19.51
N SER A 185 -14.88 -12.32 19.00
CA SER A 185 -14.77 -11.01 19.64
C SER A 185 -15.59 -10.92 20.92
N GLY A 186 -16.61 -11.76 21.09
CA GLY A 186 -17.44 -11.68 22.27
C GLY A 186 -18.48 -10.59 22.16
N LEU A 187 -19.18 -10.36 23.29
CA LEU A 187 -20.30 -9.45 23.35
C LEU A 187 -19.88 -8.10 23.92
N PRO A 188 -20.50 -7.01 23.47
CA PRO A 188 -20.24 -5.69 24.09
C PRO A 188 -20.91 -5.61 25.44
N PRO A 189 -20.58 -4.61 26.26
CA PRO A 189 -21.39 -4.35 27.44
C PRO A 189 -22.80 -3.93 27.05
N ALA A 190 -23.73 -4.01 28.02
CA ALA A 190 -25.12 -3.57 27.76
C ALA A 190 -25.21 -2.07 27.48
N SER A 191 -24.17 -1.30 27.82
CA SER A 191 -24.18 0.14 27.65
C SER A 191 -23.84 0.59 26.23
N ARG A 192 -23.12 -0.23 25.46
CA ARG A 192 -22.76 0.05 24.08
C ARG A 192 -23.43 -0.96 23.14
N PRO A 193 -23.71 -0.57 21.91
CA PRO A 193 -24.26 -1.51 20.93
C PRO A 193 -23.18 -2.38 20.32
N GLY A 194 -23.63 -3.51 19.77
CA GLY A 194 -22.76 -4.40 19.04
C GLY A 194 -22.41 -3.85 17.67
N ALA A 195 -21.57 -4.60 16.95
CA ALA A 195 -21.14 -4.16 15.63
C ALA A 195 -22.33 -3.99 14.68
N GLY A 196 -22.35 -2.86 13.97
CA GLY A 196 -23.40 -2.61 13.02
C GLY A 196 -23.47 -3.67 11.93
N TYR A 197 -24.62 -3.71 11.27
CA TYR A 197 -24.84 -4.74 10.25
C TYR A 197 -23.88 -4.56 9.07
N TRP A 198 -23.65 -3.32 8.64
CA TRP A 198 -22.79 -3.09 7.49
C TRP A 198 -21.32 -2.84 7.86
N GLY A 199 -21.02 -2.71 9.14
CA GLY A 199 -19.69 -2.32 9.57
C GLY A 199 -19.78 -1.45 10.81
N GLU A 200 -18.61 -1.17 11.38
CA GLU A 200 -18.51 -0.41 12.62
C GLU A 200 -17.37 0.60 12.54
N TYR A 201 -17.55 1.70 13.28
CA TYR A 201 -16.55 2.75 13.42
C TYR A 201 -15.47 2.36 14.44
N SER A 202 -14.77 1.26 14.16
CA SER A 202 -13.85 0.74 15.15
C SER A 202 -12.71 0.00 14.43
N LYS A 203 -11.97 -0.82 15.18
CA LYS A 203 -10.91 -1.64 14.60
C LYS A 203 -11.55 -2.93 14.07
N CYS A 204 -12.32 -2.75 13.00
CA CYS A 204 -13.09 -3.83 12.39
C CYS A 204 -13.00 -3.69 10.88
N ASP A 205 -13.12 -4.83 10.19
CA ASP A 205 -13.09 -4.86 8.74
C ASP A 205 -14.50 -5.15 8.21
N LEU A 206 -14.61 -5.57 6.93
CA LEU A 206 -15.91 -5.55 6.26
C LEU A 206 -16.52 -6.94 6.06
N PRO A 207 -17.81 -7.09 6.34
CA PRO A 207 -18.53 -8.28 5.88
C PRO A 207 -18.64 -8.27 4.36
N LEU A 208 -18.68 -9.45 3.74
CA LEU A 208 -18.69 -9.50 2.29
C LEU A 208 -19.89 -8.75 1.70
N ARG A 209 -21.02 -8.72 2.42
CA ARG A 209 -22.20 -8.03 1.92
C ARG A 209 -21.98 -6.53 1.72
N THR A 210 -21.09 -5.91 2.52
CA THR A 210 -20.83 -4.48 2.34
C THR A 210 -19.97 -4.24 1.10
N LEU A 211 -19.03 -5.15 0.82
CA LEU A 211 -18.32 -5.14 -0.45
C LEU A 211 -19.30 -5.35 -1.61
N GLU A 212 -20.22 -6.29 -1.46
CA GLU A 212 -21.26 -6.46 -2.48
C GLU A 212 -22.09 -5.19 -2.64
N SER A 213 -22.47 -4.55 -1.54
CA SER A 213 -23.24 -3.32 -1.62
C SER A 213 -22.45 -2.23 -2.35
N LEU A 214 -21.14 -2.16 -2.13
CA LEU A 214 -20.33 -1.12 -2.77
C LEU A 214 -20.38 -1.25 -4.28
N LEU A 215 -20.13 -2.46 -4.78
CA LEU A 215 -20.06 -2.67 -6.23
C LEU A 215 -21.43 -2.63 -6.87
N SER A 216 -22.47 -2.95 -6.11
CA SER A 216 -23.84 -2.92 -6.61
C SER A 216 -24.39 -1.50 -6.73
N GLY A 217 -23.78 -0.54 -6.04
CA GLY A 217 -24.19 0.85 -6.12
C GLY A 217 -23.35 1.72 -7.02
N LEU A 218 -22.48 1.11 -7.86
CA LEU A 218 -21.55 1.84 -8.72
C LEU A 218 -22.22 2.58 -9.89
N GLY A 219 -23.48 2.29 -10.20
CA GLY A 219 -24.11 2.78 -11.41
C GLY A 219 -24.07 4.29 -11.63
N PRO A 220 -24.57 5.05 -10.63
CA PRO A 220 -24.46 6.51 -10.69
C PRO A 220 -23.06 7.02 -11.01
N ALA A 221 -22.01 6.39 -10.46
CA ALA A 221 -20.64 6.86 -10.62
C ALA A 221 -20.01 6.43 -11.93
N GLY A 222 -20.54 5.42 -12.58
CA GLY A 222 -19.96 4.96 -13.84
C GLY A 222 -20.43 5.79 -15.01
N PRO A 223 -20.22 5.29 -16.24
CA PRO A 223 -19.53 4.06 -16.61
C PRO A 223 -18.02 4.16 -16.37
N PHE A 224 -17.30 3.04 -16.34
CA PHE A 224 -15.86 3.05 -16.11
C PHE A 224 -15.14 2.42 -17.30
N ASP A 225 -14.00 3.02 -17.66
CA ASP A 225 -13.18 2.41 -18.71
C ASP A 225 -12.28 1.33 -18.16
N MET A 226 -11.75 1.55 -16.95
CA MET A 226 -10.97 0.53 -16.25
C MET A 226 -11.16 0.70 -14.76
N VAL A 227 -10.68 -0.29 -14.01
CA VAL A 227 -10.64 -0.24 -12.56
C VAL A 227 -9.20 -0.45 -12.13
N TYR A 228 -8.71 0.40 -11.23
CA TYR A 228 -7.45 0.15 -10.57
C TYR A 228 -7.74 -0.37 -9.17
N TRP A 229 -7.16 -1.51 -8.81
CA TRP A 229 -7.48 -2.22 -7.56
C TRP A 229 -6.18 -2.51 -6.80
N THR A 230 -5.79 -1.62 -5.89
CA THR A 230 -4.42 -1.61 -5.38
C THR A 230 -4.25 -2.28 -4.01
N GLY A 231 -4.89 -3.43 -3.75
CA GLY A 231 -4.36 -4.36 -2.78
C GLY A 231 -5.09 -4.34 -1.43
N ASP A 232 -4.70 -5.32 -0.60
CA ASP A 232 -5.22 -5.54 0.75
C ASP A 232 -6.61 -6.14 0.68
N ILE A 233 -6.66 -7.43 0.38
CA ILE A 233 -7.92 -8.17 0.26
C ILE A 233 -8.23 -8.85 1.59
N PRO A 234 -7.32 -9.62 2.19
CA PRO A 234 -7.63 -10.22 3.51
C PRO A 234 -7.80 -9.14 4.57
N ALA A 235 -8.39 -9.56 5.71
CA ALA A 235 -8.67 -8.68 6.83
C ALA A 235 -7.45 -8.61 7.76
N HIS A 236 -7.62 -7.97 8.91
CA HIS A 236 -6.51 -7.81 9.84
C HIS A 236 -6.48 -8.88 10.93
N ASP A 237 -7.17 -10.00 10.71
CA ASP A 237 -7.10 -11.14 11.62
C ASP A 237 -5.75 -11.83 11.44
N VAL A 238 -4.70 -11.07 11.70
CA VAL A 238 -3.37 -11.39 11.22
C VAL A 238 -2.67 -12.48 12.04
N TRP A 239 -3.23 -12.85 13.19
CA TRP A 239 -2.61 -13.86 14.04
C TRP A 239 -2.97 -15.28 13.64
N HIS A 240 -3.91 -15.46 12.71
CA HIS A 240 -4.27 -16.81 12.29
C HIS A 240 -4.72 -16.75 10.83
N GLN A 241 -3.80 -16.55 9.92
CA GLN A 241 -4.11 -16.57 8.49
C GLN A 241 -3.32 -17.68 7.82
N THR A 242 -4.03 -18.68 7.30
CA THR A 242 -3.44 -19.73 6.49
C THR A 242 -3.37 -19.31 5.02
N ARG A 243 -2.56 -20.04 4.25
CA ARG A 243 -2.51 -19.80 2.82
C ARG A 243 -3.86 -20.01 2.16
N GLN A 244 -4.67 -20.92 2.71
CA GLN A 244 -5.99 -21.14 2.14
C GLN A 244 -6.93 -19.98 2.43
N ASP A 245 -6.87 -19.42 3.64
CA ASP A 245 -7.66 -18.23 3.97
C ASP A 245 -7.33 -17.09 3.01
N GLN A 246 -6.05 -16.83 2.78
CA GLN A 246 -5.66 -15.72 1.91
C GLN A 246 -6.09 -15.98 0.48
N LEU A 247 -5.91 -17.21 0.00
CA LEU A 247 -6.39 -17.54 -1.33
C LEU A 247 -7.91 -17.38 -1.40
N ARG A 248 -8.62 -17.83 -0.36
CA ARG A 248 -10.07 -17.66 -0.32
C ARG A 248 -10.44 -16.18 -0.39
N ALA A 249 -9.72 -15.31 0.32
CA ALA A 249 -9.94 -13.88 0.20
C ALA A 249 -9.68 -13.42 -1.24
N LEU A 250 -8.53 -13.81 -1.80
CA LEU A 250 -8.21 -13.46 -3.17
C LEU A 250 -9.30 -13.91 -4.15
N THR A 251 -9.72 -15.18 -4.08
CA THR A 251 -10.62 -15.69 -5.11
C THR A 251 -12.05 -15.20 -4.92
N THR A 252 -12.49 -15.03 -3.67
CA THR A 252 -13.87 -14.58 -3.43
C THR A 252 -14.07 -13.14 -3.88
N VAL A 253 -13.21 -12.24 -3.40
CA VAL A 253 -13.38 -10.83 -3.75
C VAL A 253 -13.14 -10.63 -5.24
N THR A 254 -12.12 -11.29 -5.81
CA THR A 254 -11.85 -11.17 -7.25
C THR A 254 -13.10 -11.50 -8.09
N ALA A 255 -13.79 -12.58 -7.73
CA ALA A 255 -14.99 -12.98 -8.45
C ALA A 255 -16.12 -12.00 -8.22
N LEU A 256 -16.14 -11.35 -7.05
CA LEU A 256 -17.21 -10.41 -6.74
C LEU A 256 -17.11 -9.16 -7.62
N VAL A 257 -15.91 -8.59 -7.74
CA VAL A 257 -15.79 -7.40 -8.57
C VAL A 257 -15.99 -7.77 -10.03
N ARG A 258 -15.52 -8.96 -10.43
CA ARG A 258 -15.72 -9.41 -11.80
C ARG A 258 -17.20 -9.55 -12.12
N LYS A 259 -18.02 -9.92 -11.13
CA LYS A 259 -19.46 -10.08 -11.36
C LYS A 259 -20.15 -8.74 -11.57
N PHE A 260 -19.70 -7.68 -10.87
CA PHE A 260 -20.39 -6.40 -10.95
C PHE A 260 -19.78 -5.46 -11.98
N LEU A 261 -18.58 -5.75 -12.47
CA LEU A 261 -17.95 -4.92 -13.49
C LEU A 261 -17.83 -5.59 -14.84
N GLY A 262 -18.16 -6.88 -14.92
CA GLY A 262 -18.25 -7.61 -16.16
C GLY A 262 -17.07 -7.39 -17.09
N PRO A 263 -17.35 -6.81 -18.25
CA PRO A 263 -16.32 -6.68 -19.29
C PRO A 263 -15.23 -5.63 -18.97
N VAL A 264 -15.40 -4.80 -17.95
CA VAL A 264 -14.46 -3.69 -17.70
C VAL A 264 -13.16 -4.25 -17.15
N PRO A 265 -12.01 -3.88 -17.73
CA PRO A 265 -10.73 -4.38 -17.21
C PRO A 265 -10.45 -3.87 -15.80
N VAL A 266 -9.89 -4.75 -14.98
CA VAL A 266 -9.48 -4.44 -13.62
C VAL A 266 -7.98 -4.71 -13.52
N TYR A 267 -7.23 -3.69 -13.12
CA TYR A 267 -5.79 -3.85 -12.95
C TYR A 267 -5.46 -3.85 -11.47
N PRO A 268 -5.14 -5.01 -10.90
CA PRO A 268 -4.80 -5.08 -9.48
C PRO A 268 -3.33 -4.78 -9.22
N ALA A 269 -3.05 -4.47 -7.96
CA ALA A 269 -1.71 -4.37 -7.43
C ALA A 269 -1.67 -5.10 -6.09
N VAL A 270 -0.50 -5.61 -5.73
CA VAL A 270 -0.36 -6.52 -4.58
C VAL A 270 -0.23 -5.70 -3.30
N GLY A 271 -1.19 -5.88 -2.38
CA GLY A 271 -1.11 -5.23 -1.08
C GLY A 271 -0.26 -6.02 -0.10
N ASN A 272 -0.01 -5.42 1.06
CA ASN A 272 0.83 -6.10 2.04
C ASN A 272 0.09 -7.20 2.80
N HIS A 273 -1.22 -7.25 2.75
CA HIS A 273 -1.97 -8.25 3.43
C HIS A 273 -2.30 -9.47 2.63
N GLU A 274 -1.89 -9.54 1.39
CA GLU A 274 -2.24 -10.67 0.55
C GLU A 274 -1.51 -11.95 0.95
N SER A 275 -0.32 -11.81 1.52
CA SER A 275 0.45 -12.99 1.83
C SER A 275 0.11 -13.49 3.23
N THR A 276 0.73 -14.61 3.62
CA THR A 276 0.77 -15.01 5.01
C THR A 276 2.17 -15.53 5.34
N PRO A 277 2.74 -15.07 6.46
CA PRO A 277 2.23 -14.04 7.37
C PRO A 277 2.12 -12.67 6.69
N VAL A 278 1.40 -11.72 7.27
CA VAL A 278 1.32 -10.36 6.72
C VAL A 278 2.71 -9.81 6.44
N ASN A 279 2.85 -9.05 5.35
CA ASN A 279 4.08 -8.39 4.92
C ASN A 279 5.16 -9.39 4.50
N SER A 280 4.88 -10.69 4.50
CA SER A 280 5.89 -11.69 4.16
C SER A 280 5.92 -11.85 2.65
N PHE A 281 6.86 -11.19 1.99
CA PHE A 281 6.99 -11.26 0.55
C PHE A 281 8.45 -11.51 0.19
N PRO A 282 8.89 -12.75 0.31
CA PRO A 282 10.29 -13.10 -0.05
C PRO A 282 10.56 -12.79 -1.51
N PRO A 283 11.65 -12.08 -1.81
CA PRO A 283 11.96 -11.74 -3.21
C PRO A 283 12.27 -12.98 -4.02
N PRO A 284 12.27 -12.89 -5.35
CA PRO A 284 12.38 -14.12 -6.17
C PRO A 284 13.66 -14.92 -5.96
N PHE A 285 14.69 -14.34 -5.32
CA PHE A 285 15.87 -15.16 -5.01
C PHE A 285 15.59 -16.23 -3.96
N ILE A 286 14.39 -16.26 -3.41
CA ILE A 286 13.94 -17.27 -2.47
C ILE A 286 13.08 -18.26 -3.24
N GLU A 287 13.58 -19.48 -3.44
CA GLU A 287 12.83 -20.55 -4.09
C GLU A 287 12.27 -21.50 -3.03
N GLY A 288 11.63 -22.56 -3.48
CA GLY A 288 11.02 -23.49 -2.56
C GLY A 288 9.63 -23.05 -2.15
N ASN A 289 9.01 -23.87 -1.31
CA ASN A 289 7.59 -23.68 -0.99
C ASN A 289 7.37 -22.57 0.04
N HIS A 290 8.40 -22.11 0.74
CA HIS A 290 8.26 -20.92 1.58
C HIS A 290 8.40 -19.62 0.79
N SER A 291 8.49 -19.70 -0.55
CA SER A 291 8.49 -18.52 -1.39
C SER A 291 7.06 -18.03 -1.60
N SER A 292 6.88 -17.08 -2.53
CA SER A 292 5.58 -16.50 -2.82
C SER A 292 4.89 -17.16 -4.01
N ARG A 293 5.44 -18.27 -4.51
CA ARG A 293 4.88 -18.93 -5.68
C ARG A 293 3.40 -19.28 -5.49
N TRP A 294 3.04 -19.78 -4.31
CA TRP A 294 1.64 -20.10 -4.05
C TRP A 294 0.74 -18.89 -4.29
N LEU A 295 1.19 -17.71 -3.91
CA LEU A 295 0.32 -16.53 -3.99
C LEU A 295 0.32 -15.90 -5.37
N TYR A 296 1.45 -15.82 -6.02
CA TYR A 296 1.50 -15.17 -7.32
C TYR A 296 0.82 -15.95 -8.41
N GLU A 297 0.88 -17.25 -8.31
CA GLU A 297 0.24 -18.11 -9.28
C GLU A 297 -1.21 -18.15 -9.10
N ALA A 298 -1.68 -17.97 -7.90
CA ALA A 298 -3.09 -17.91 -7.68
C ALA A 298 -3.61 -16.59 -8.26
N MET A 299 -2.83 -15.54 -8.14
CA MET A 299 -3.18 -14.27 -8.72
C MET A 299 -3.18 -14.39 -10.24
N ALA A 300 -2.20 -15.04 -10.84
CA ALA A 300 -2.16 -15.16 -12.30
C ALA A 300 -3.37 -15.93 -12.83
N LYS A 301 -3.83 -16.93 -12.08
CA LYS A 301 -5.02 -17.65 -12.48
C LYS A 301 -6.29 -16.86 -12.20
N ALA A 302 -6.33 -16.12 -11.08
CA ALA A 302 -7.49 -15.32 -10.74
C ALA A 302 -7.64 -14.09 -11.63
N TRP A 303 -6.54 -13.54 -12.14
CA TRP A 303 -6.56 -12.31 -12.91
C TRP A 303 -6.22 -12.53 -14.38
N GLU A 304 -6.12 -13.78 -14.82
CA GLU A 304 -5.97 -14.06 -16.24
C GLU A 304 -7.02 -13.36 -17.12
N PRO A 305 -8.30 -13.29 -16.74
CA PRO A 305 -9.28 -12.57 -17.59
C PRO A 305 -8.90 -11.12 -17.88
N TRP A 306 -8.13 -10.48 -16.99
CA TRP A 306 -7.82 -9.06 -17.09
C TRP A 306 -6.43 -8.76 -17.60
N LEU A 307 -5.48 -9.68 -17.44
CA LEU A 307 -4.08 -9.35 -17.71
C LEU A 307 -3.58 -10.06 -18.96
N PRO A 308 -2.83 -9.37 -19.83
CA PRO A 308 -2.25 -10.03 -20.99
C PRO A 308 -1.19 -11.03 -20.58
N ALA A 309 -0.80 -11.86 -21.55
CA ALA A 309 0.18 -12.92 -21.31
C ALA A 309 1.50 -12.34 -20.79
N GLU A 310 1.95 -11.20 -21.33
CA GLU A 310 3.19 -10.62 -20.85
C GLU A 310 3.04 -10.16 -19.40
N ALA A 311 1.88 -9.61 -19.04
CA ALA A 311 1.68 -9.20 -17.66
C ALA A 311 1.68 -10.41 -16.73
N LEU A 312 0.97 -11.47 -17.11
CA LEU A 312 0.91 -12.65 -16.24
C LEU A 312 2.29 -13.24 -15.99
N ARG A 313 3.18 -13.18 -16.97
CA ARG A 313 4.54 -13.72 -16.79
C ARG A 313 5.28 -12.96 -15.70
N THR A 314 5.28 -11.62 -15.77
CA THR A 314 5.93 -10.81 -14.74
C THR A 314 5.25 -10.98 -13.39
N LEU A 315 3.92 -11.05 -13.39
CA LEU A 315 3.17 -11.21 -12.16
C LEU A 315 3.56 -12.48 -11.41
N ARG A 316 3.71 -13.59 -12.14
CA ARG A 316 4.09 -14.85 -11.51
C ARG A 316 5.46 -14.76 -10.86
N ILE A 317 6.34 -13.89 -11.38
CA ILE A 317 7.69 -13.82 -10.86
C ILE A 317 7.76 -12.98 -9.59
N GLY A 318 7.25 -11.75 -9.64
CA GLY A 318 7.43 -10.86 -8.51
C GLY A 318 6.24 -10.02 -8.13
N GLY A 319 5.07 -10.36 -8.68
CA GLY A 319 3.87 -9.65 -8.33
C GLY A 319 3.73 -8.25 -8.89
N PHE A 320 4.44 -7.93 -9.98
CA PHE A 320 4.26 -6.66 -10.70
C PHE A 320 4.14 -6.93 -12.20
N TYR A 321 3.67 -5.94 -12.95
CA TYR A 321 3.48 -6.10 -14.39
C TYR A 321 3.29 -4.73 -15.03
N ALA A 322 3.37 -4.70 -16.37
CA ALA A 322 3.03 -3.52 -17.13
C ALA A 322 2.12 -3.93 -18.28
N LEU A 323 1.28 -3.00 -18.73
CA LEU A 323 0.39 -3.26 -19.87
C LEU A 323 -0.05 -1.92 -20.48
N SER A 324 -0.76 -2.02 -21.60
CA SER A 324 -1.18 -0.84 -22.35
C SER A 324 -2.70 -0.75 -22.36
N PRO A 325 -3.30 0.04 -21.48
CA PRO A 325 -4.76 0.22 -21.54
C PRO A 325 -5.24 0.83 -22.86
N TYR A 326 -4.53 1.83 -23.36
CA TYR A 326 -4.86 2.59 -24.56
C TYR A 326 -3.61 2.71 -25.41
N PRO A 327 -3.77 3.01 -26.70
CA PRO A 327 -2.62 3.45 -27.49
C PRO A 327 -1.98 4.67 -26.85
N GLY A 328 -0.66 4.62 -26.67
CA GLY A 328 0.03 5.75 -26.07
C GLY A 328 -0.08 5.87 -24.57
N LEU A 329 -0.62 4.86 -23.89
CA LEU A 329 -0.68 4.82 -22.43
C LEU A 329 -0.15 3.49 -21.93
N ARG A 330 0.87 3.53 -21.06
CA ARG A 330 1.35 2.38 -20.33
C ARG A 330 0.87 2.45 -18.89
N LEU A 331 0.38 1.33 -18.38
CA LEU A 331 0.10 1.21 -16.96
C LEU A 331 1.11 0.25 -16.33
N ILE A 332 1.64 0.63 -15.18
CA ILE A 332 2.63 -0.17 -14.48
C ILE A 332 2.11 -0.42 -13.07
N SER A 333 1.95 -1.68 -12.71
CA SER A 333 1.50 -2.08 -11.39
C SER A 333 2.72 -2.52 -10.60
N LEU A 334 3.07 -1.78 -9.56
CA LEU A 334 4.23 -2.07 -8.74
C LEU A 334 3.83 -2.88 -7.51
N ASN A 335 4.67 -3.85 -7.15
CA ASN A 335 4.52 -4.60 -5.91
C ASN A 335 5.36 -3.89 -4.86
N MET A 336 4.71 -2.99 -4.09
CA MET A 336 5.45 -2.16 -3.16
C MET A 336 5.93 -2.90 -1.92
N ASN A 337 5.64 -4.20 -1.79
CA ASN A 337 6.16 -4.97 -0.65
C ASN A 337 7.67 -5.15 -0.71
N PHE A 338 8.27 -4.95 -1.89
CA PHE A 338 9.71 -4.91 -2.02
C PHE A 338 10.30 -3.58 -1.60
N CYS A 339 9.46 -2.60 -1.27
CA CYS A 339 9.88 -1.33 -0.68
C CYS A 339 9.57 -1.26 0.80
N SER A 340 8.80 -2.22 1.32
CA SER A 340 8.16 -2.07 2.62
C SER A 340 9.16 -2.19 3.76
N ARG A 341 9.00 -1.30 4.76
CA ARG A 341 9.73 -1.40 6.01
C ARG A 341 9.34 -2.63 6.83
N GLU A 342 8.22 -3.28 6.51
CA GLU A 342 7.77 -4.41 7.30
C GLU A 342 8.03 -5.75 6.62
N ASN A 343 8.52 -5.75 5.39
CA ASN A 343 8.88 -7.00 4.72
C ASN A 343 10.19 -7.49 5.31
N PHE A 344 10.08 -8.30 6.37
CA PHE A 344 11.27 -8.72 7.11
C PHE A 344 12.24 -9.52 6.26
N TRP A 345 11.78 -10.11 5.14
CA TRP A 345 12.69 -10.81 4.24
C TRP A 345 13.77 -9.90 3.69
N LEU A 346 13.47 -8.60 3.58
CA LEU A 346 14.48 -7.68 3.05
C LEU A 346 15.69 -7.52 3.97
N LEU A 347 15.64 -8.01 5.21
CA LEU A 347 16.84 -8.04 6.04
C LEU A 347 17.95 -8.86 5.38
N ILE A 348 17.58 -9.87 4.61
CA ILE A 348 18.56 -10.64 3.85
C ILE A 348 19.21 -9.76 2.78
N ASN A 349 18.39 -9.05 2.02
CA ASN A 349 18.90 -8.17 0.96
C ASN A 349 17.78 -7.21 0.55
N SER A 350 17.97 -5.93 0.86
CA SER A 350 17.00 -4.90 0.55
C SER A 350 17.27 -4.23 -0.80
N THR A 351 18.35 -4.61 -1.48
CA THR A 351 18.74 -3.93 -2.71
C THR A 351 17.80 -4.29 -3.85
N ASP A 352 17.07 -3.29 -4.37
CA ASP A 352 16.07 -3.39 -5.45
C ASP A 352 15.52 -4.80 -5.60
N PRO A 353 14.78 -5.30 -4.61
CA PRO A 353 14.31 -6.69 -4.68
C PRO A 353 13.51 -6.95 -5.96
N ALA A 354 13.75 -8.13 -6.55
CA ALA A 354 13.20 -8.57 -7.84
C ALA A 354 13.66 -7.72 -9.01
N GLY A 355 14.60 -6.80 -8.81
CA GLY A 355 14.99 -5.90 -9.88
C GLY A 355 13.86 -5.04 -10.39
N GLN A 356 12.85 -4.81 -9.58
CA GLN A 356 11.69 -4.05 -9.97
C GLN A 356 11.90 -2.59 -10.37
N LEU A 357 12.74 -1.86 -9.65
CA LEU A 357 13.02 -0.48 -9.95
C LEU A 357 13.79 -0.38 -11.22
N GLN A 358 14.76 -1.25 -11.41
CA GLN A 358 15.48 -1.26 -12.68
C GLN A 358 14.55 -1.62 -13.83
N TRP A 359 13.65 -2.58 -13.61
CA TRP A 359 12.66 -2.93 -14.62
C TRP A 359 11.75 -1.74 -14.92
N LEU A 360 11.40 -0.98 -13.89
CA LEU A 360 10.56 0.19 -14.05
C LEU A 360 11.24 1.24 -14.92
N VAL A 361 12.55 1.44 -14.70
CA VAL A 361 13.29 2.41 -15.49
C VAL A 361 13.27 2.02 -16.96
N GLY A 362 13.54 0.74 -17.25
CA GLY A 362 13.51 0.29 -18.64
C GLY A 362 12.15 0.49 -19.26
N GLU A 363 11.09 0.22 -18.50
CA GLU A 363 9.74 0.44 -18.98
C GLU A 363 9.46 1.92 -19.22
N LEU A 364 9.92 2.79 -18.31
CA LEU A 364 9.66 4.22 -18.44
C LEU A 364 10.44 4.83 -19.60
N GLN A 365 11.70 4.43 -19.79
CA GLN A 365 12.48 4.93 -20.90
C GLN A 365 11.92 4.46 -22.23
N ALA A 366 11.38 3.24 -22.27
CA ALA A 366 10.68 2.77 -23.46
C ALA A 366 9.47 3.63 -23.75
N ALA A 367 8.73 3.99 -22.71
CA ALA A 367 7.58 4.89 -22.88
C ALA A 367 8.04 6.25 -23.38
N GLU A 368 9.11 6.79 -22.81
CA GLU A 368 9.66 8.05 -23.29
C GLU A 368 10.08 7.95 -24.76
N ASP A 369 10.70 6.82 -25.15
CA ASP A 369 11.13 6.65 -26.53
C ASP A 369 9.95 6.69 -27.50
N ARG A 370 8.84 6.03 -27.16
CA ARG A 370 7.64 6.05 -27.98
C ARG A 370 6.80 7.31 -27.81
N GLY A 371 7.13 8.15 -26.82
CA GLY A 371 6.23 9.24 -26.48
C GLY A 371 4.98 8.81 -25.75
N ASP A 372 4.95 7.60 -25.21
CA ASP A 372 3.83 7.16 -24.39
C ASP A 372 3.80 7.92 -23.08
N LYS A 373 2.65 7.85 -22.40
CA LYS A 373 2.47 8.33 -21.03
C LYS A 373 2.22 7.13 -20.12
N VAL A 374 2.50 7.31 -18.83
CA VAL A 374 2.49 6.20 -17.90
C VAL A 374 1.58 6.51 -16.71
N HIS A 375 0.80 5.51 -16.29
CA HIS A 375 0.18 5.47 -14.99
C HIS A 375 0.92 4.46 -14.14
N ILE A 376 1.22 4.82 -12.89
CA ILE A 376 1.75 3.90 -11.90
C ILE A 376 0.67 3.66 -10.84
N ILE A 377 0.38 2.38 -10.57
CA ILE A 377 -0.47 2.02 -9.45
C ILE A 377 0.33 1.09 -8.54
N GLY A 378 0.05 1.19 -7.24
CA GLY A 378 0.74 0.40 -6.23
C GLY A 378 0.00 0.52 -4.92
N HIS A 379 0.46 -0.23 -3.94
CA HIS A 379 -0.23 -0.24 -2.65
C HIS A 379 0.40 0.75 -1.66
N ILE A 380 1.52 0.37 -1.04
CA ILE A 380 2.19 1.27 -0.09
C ILE A 380 2.68 2.51 -0.82
N PRO A 381 2.33 3.72 -0.36
CA PRO A 381 2.79 4.93 -1.07
C PRO A 381 4.30 5.08 -0.92
N PRO A 382 4.97 5.64 -1.94
CA PRO A 382 6.45 5.65 -1.94
C PRO A 382 7.07 6.45 -0.80
N GLY A 383 6.38 7.47 -0.28
CA GLY A 383 6.89 8.19 0.87
C GLY A 383 7.04 7.31 2.10
N HIS A 384 6.30 6.20 2.18
CA HIS A 384 6.37 5.31 3.34
C HIS A 384 7.33 4.14 3.13
N CYS A 385 8.01 4.07 1.99
CA CYS A 385 8.93 2.97 1.73
C CYS A 385 10.21 3.11 2.54
N LEU A 386 11.01 2.05 2.53
CA LEU A 386 12.38 2.09 3.04
C LEU A 386 13.15 3.23 2.39
N LYS A 387 14.18 3.68 3.09
CA LYS A 387 14.93 4.87 2.68
C LYS A 387 15.47 4.75 1.26
N SER A 388 16.34 3.76 1.01
CA SER A 388 17.02 3.69 -0.30
C SER A 388 16.02 3.52 -1.44
N TRP A 389 15.06 2.61 -1.26
CA TRP A 389 14.03 2.42 -2.27
C TRP A 389 13.28 3.73 -2.54
N SER A 390 12.81 4.39 -1.48
CA SER A 390 12.03 5.62 -1.66
C SER A 390 12.84 6.69 -2.38
N TRP A 391 14.15 6.77 -2.09
CA TRP A 391 15.01 7.77 -2.73
C TRP A 391 15.21 7.46 -4.22
N ASN A 392 15.41 6.17 -4.56
CA ASN A 392 15.59 5.81 -5.96
C ASN A 392 14.30 6.02 -6.75
N TYR A 393 13.15 5.68 -6.16
CA TYR A 393 11.88 5.96 -6.80
C TYR A 393 11.71 7.46 -7.04
N TYR A 394 12.04 8.28 -6.03
CA TYR A 394 11.98 9.73 -6.18
C TYR A 394 12.83 10.19 -7.36
N ARG A 395 14.02 9.63 -7.49
CA ARG A 395 14.90 10.02 -8.59
C ARG A 395 14.34 9.58 -9.93
N ILE A 396 13.71 8.41 -9.99
CA ILE A 396 13.09 7.95 -11.23
C ILE A 396 11.93 8.85 -11.63
N VAL A 397 11.06 9.19 -10.66
CA VAL A 397 9.94 10.09 -10.94
C VAL A 397 10.43 11.44 -11.50
N ALA A 398 11.49 12.00 -10.91
CA ALA A 398 11.98 13.29 -11.38
C ALA A 398 12.53 13.18 -12.80
N ARG A 399 13.27 12.12 -13.09
CA ARG A 399 13.79 11.93 -14.43
C ARG A 399 12.66 11.85 -15.47
N TYR A 400 11.59 11.15 -15.14
CA TYR A 400 10.54 10.85 -16.12
C TYR A 400 9.27 11.67 -15.91
N GLU A 401 9.43 12.89 -15.40
CA GLU A 401 8.28 13.74 -15.10
C GLU A 401 7.39 13.95 -16.32
N ASN A 402 7.98 14.14 -17.50
CA ASN A 402 7.15 14.35 -18.69
C ASN A 402 6.35 13.12 -19.07
N THR A 403 6.92 11.93 -18.82
CA THR A 403 6.36 10.66 -19.25
C THR A 403 5.37 10.09 -18.24
N LEU A 404 5.69 10.17 -16.95
CA LEU A 404 4.73 9.82 -15.91
C LEU A 404 3.55 10.78 -15.98
N ALA A 405 2.34 10.23 -16.09
CA ALA A 405 1.14 11.06 -16.16
C ALA A 405 0.33 11.04 -14.86
N ALA A 406 0.40 9.94 -14.10
CA ALA A 406 -0.41 9.79 -12.90
C ALA A 406 0.16 8.67 -12.06
N GLN A 407 -0.02 8.82 -10.75
CA GLN A 407 0.43 7.83 -9.76
C GLN A 407 -0.67 7.59 -8.74
N PHE A 408 -0.94 6.32 -8.43
CA PHE A 408 -2.06 5.96 -7.59
C PHE A 408 -1.63 4.93 -6.55
N PHE A 409 -1.84 5.26 -5.27
CA PHE A 409 -1.49 4.35 -4.18
C PHE A 409 -2.66 4.32 -3.19
N GLY A 410 -2.54 3.45 -2.18
CA GLY A 410 -3.49 3.39 -1.09
C GLY A 410 -2.78 3.14 0.23
N HIS A 411 -3.15 2.04 0.90
CA HIS A 411 -2.50 1.50 2.10
C HIS A 411 -2.69 2.36 3.36
N THR A 412 -2.66 3.69 3.26
CA THR A 412 -2.85 4.52 4.45
C THR A 412 -4.29 4.53 4.93
N HIS A 413 -5.24 4.17 4.07
CA HIS A 413 -6.67 4.08 4.37
C HIS A 413 -7.34 5.46 4.43
N VAL A 414 -6.56 6.53 4.43
CA VAL A 414 -7.08 7.88 4.51
C VAL A 414 -6.93 8.55 3.14
N ASP A 415 -7.58 9.72 2.97
CA ASP A 415 -7.62 10.44 1.70
C ASP A 415 -6.58 11.56 1.72
N GLU A 416 -5.46 11.34 1.02
CA GLU A 416 -4.37 12.31 1.05
C GLU A 416 -3.56 12.14 -0.24
N PHE A 417 -2.35 12.71 -0.26
CA PHE A 417 -1.57 12.75 -1.49
C PHE A 417 -0.10 12.98 -1.11
N GLU A 418 0.79 12.78 -2.09
CA GLU A 418 2.22 13.06 -1.91
C GLU A 418 2.72 13.82 -3.12
N VAL A 419 3.32 15.01 -2.89
CA VAL A 419 3.83 15.86 -3.96
C VAL A 419 5.30 15.55 -4.19
N PHE A 420 5.69 15.43 -5.47
CA PHE A 420 7.08 15.18 -5.86
C PHE A 420 7.70 16.48 -6.38
N TYR A 421 8.94 16.72 -6.00
CA TYR A 421 9.69 17.89 -6.43
C TYR A 421 10.92 17.47 -7.25
N ASP A 422 11.51 18.46 -7.93
CA ASP A 422 12.77 18.26 -8.63
C ASP A 422 13.89 17.89 -7.65
N GLU A 423 14.80 17.06 -8.12
CA GLU A 423 15.96 16.66 -7.33
C GLU A 423 16.87 17.84 -6.98
N GLU A 424 17.06 18.79 -7.91
CA GLU A 424 18.09 19.81 -7.76
C GLU A 424 17.78 20.80 -6.63
N THR A 425 16.52 21.23 -6.52
CA THR A 425 16.16 22.28 -5.58
C THR A 425 15.06 21.89 -4.61
N LEU A 426 14.43 20.73 -4.78
CA LEU A 426 13.29 20.31 -3.96
C LEU A 426 12.29 21.44 -3.81
N SER A 427 12.02 22.14 -4.91
CA SER A 427 11.04 23.21 -4.81
C SER A 427 10.14 23.37 -6.03
N ARG A 428 10.41 22.70 -7.15
CA ARG A 428 9.52 22.73 -8.29
C ARG A 428 8.62 21.50 -8.31
N PRO A 429 7.31 21.62 -8.08
CA PRO A 429 6.45 20.43 -8.06
C PRO A 429 6.36 19.83 -9.46
N LEU A 430 6.56 18.51 -9.55
CA LEU A 430 6.56 17.86 -10.86
C LEU A 430 5.77 16.57 -10.94
N ALA A 431 5.23 16.07 -9.82
CA ALA A 431 4.38 14.89 -9.84
C ALA A 431 3.56 14.91 -8.56
N VAL A 432 2.47 14.15 -8.56
CA VAL A 432 1.64 14.00 -7.36
C VAL A 432 1.08 12.59 -7.34
N ALA A 433 1.23 11.93 -6.20
CA ALA A 433 0.64 10.62 -5.98
C ALA A 433 -0.66 10.79 -5.23
N PHE A 434 -1.73 10.19 -5.75
CA PHE A 434 -3.03 10.21 -5.09
C PHE A 434 -3.16 8.99 -4.19
N LEU A 435 -3.37 9.23 -2.90
CA LEU A 435 -3.53 8.19 -1.88
C LEU A 435 -5.03 8.14 -1.57
N ALA A 436 -5.71 7.16 -2.17
CA ALA A 436 -7.15 7.02 -2.04
C ALA A 436 -7.49 6.31 -0.73
N PRO A 437 -8.62 6.62 -0.13
CA PRO A 437 -8.94 6.03 1.18
C PRO A 437 -9.55 4.64 1.02
N SER A 438 -9.67 3.95 2.16
CA SER A 438 -9.98 2.53 2.12
C SER A 438 -11.48 2.27 1.98
N ALA A 439 -11.81 1.12 1.40
CA ALA A 439 -13.19 0.66 1.47
C ALA A 439 -13.51 0.14 2.87
N THR A 440 -12.54 -0.46 3.55
CA THR A 440 -12.77 -0.91 4.91
C THR A 440 -12.93 0.27 5.88
N THR A 441 -13.62 -0.01 6.98
CA THR A 441 -13.78 0.94 8.07
C THR A 441 -12.50 1.11 8.87
N TYR A 442 -11.65 0.10 8.87
CA TYR A 442 -10.44 0.04 9.69
C TYR A 442 -9.50 1.24 9.47
N ILE A 443 -9.29 2.08 10.49
CA ILE A 443 -9.95 2.02 11.79
C ILE A 443 -10.89 3.22 11.98
N GLY A 444 -12.13 2.95 12.37
CA GLY A 444 -13.05 4.02 12.76
C GLY A 444 -13.59 4.92 11.67
N LEU A 445 -13.57 4.50 10.40
CA LEU A 445 -14.00 5.38 9.30
C LEU A 445 -15.24 4.84 8.58
N ASN A 446 -15.87 5.73 7.81
CA ASN A 446 -16.85 5.26 6.84
C ASN A 446 -16.16 4.47 5.73
N PRO A 447 -16.82 3.47 5.16
CA PRO A 447 -16.27 2.83 3.96
C PRO A 447 -16.22 3.81 2.80
N GLY A 448 -15.19 3.70 1.97
CA GLY A 448 -15.05 4.66 0.88
C GLY A 448 -14.51 4.05 -0.41
N TYR A 449 -14.70 4.80 -1.51
CA TYR A 449 -14.02 4.49 -2.76
C TYR A 449 -13.95 5.76 -3.62
N ARG A 450 -13.30 5.61 -4.78
CA ARG A 450 -12.71 6.72 -5.50
C ARG A 450 -12.96 6.56 -7.00
N VAL A 451 -13.15 7.68 -7.69
CA VAL A 451 -13.31 7.72 -9.14
C VAL A 451 -12.44 8.87 -9.67
N TYR A 452 -11.66 8.58 -10.71
CA TYR A 452 -10.83 9.59 -11.36
C TYR A 452 -11.41 9.92 -12.73
N GLN A 453 -11.48 11.22 -13.04
CA GLN A 453 -11.63 11.68 -14.42
C GLN A 453 -10.24 11.96 -14.96
N ILE A 454 -9.91 11.33 -16.09
CA ILE A 454 -8.55 11.37 -16.63
C ILE A 454 -8.61 11.81 -18.08
N ASP A 455 -7.67 12.68 -18.48
CA ASP A 455 -7.55 13.06 -19.89
C ASP A 455 -7.48 11.80 -20.74
N GLY A 456 -8.38 11.70 -21.71
CA GLY A 456 -8.88 10.43 -22.17
C GLY A 456 -8.10 9.78 -23.30
N ASN A 457 -8.81 8.91 -24.01
CA ASN A 457 -8.24 8.02 -25.02
C ASN A 457 -8.25 8.73 -26.36
N TYR A 458 -7.14 9.37 -26.70
CA TYR A 458 -6.97 10.00 -28.00
C TYR A 458 -5.50 10.33 -28.17
N SER A 459 -5.09 10.47 -29.42
CA SER A 459 -3.69 10.72 -29.72
C SER A 459 -3.29 12.12 -29.25
N GLY A 460 -2.16 12.21 -28.57
CA GLY A 460 -1.72 13.46 -27.99
C GLY A 460 -2.27 13.74 -26.62
N SER A 461 -3.13 12.89 -26.09
CA SER A 461 -3.67 13.09 -24.74
C SER A 461 -2.54 13.09 -23.71
N SER A 462 -2.70 13.91 -22.67
CA SER A 462 -1.78 13.95 -21.55
C SER A 462 -1.96 12.80 -20.57
N HIS A 463 -3.15 12.17 -20.56
CA HIS A 463 -3.47 11.03 -19.71
C HIS A 463 -3.34 11.33 -18.21
N VAL A 464 -3.34 12.63 -17.83
CA VAL A 464 -3.24 13.01 -16.42
C VAL A 464 -4.64 13.03 -15.80
N VAL A 465 -4.67 12.92 -14.47
CA VAL A 465 -5.91 13.12 -13.72
C VAL A 465 -6.36 14.58 -13.88
N LEU A 466 -7.64 14.78 -14.19
CA LEU A 466 -8.24 16.10 -14.27
C LEU A 466 -9.07 16.46 -13.06
N ASP A 467 -9.65 15.48 -12.39
CA ASP A 467 -10.48 15.69 -11.21
C ASP A 467 -10.68 14.32 -10.59
N HIS A 468 -11.12 14.30 -9.34
CA HIS A 468 -11.49 13.03 -8.75
C HIS A 468 -12.63 13.23 -7.78
N GLU A 469 -13.27 12.12 -7.44
CA GLU A 469 -14.42 12.04 -6.57
C GLU A 469 -14.36 10.91 -5.60
N THR A 470 -14.98 11.10 -4.46
CA THR A 470 -14.93 10.09 -3.42
C THR A 470 -16.34 9.81 -2.95
N TYR A 471 -16.66 8.51 -2.82
CA TYR A 471 -17.95 8.01 -2.38
C TYR A 471 -17.79 7.31 -1.04
N ILE A 472 -18.79 7.47 -0.17
CA ILE A 472 -18.74 6.83 1.14
C ILE A 472 -20.08 6.19 1.42
N LEU A 473 -20.06 5.24 2.35
CA LEU A 473 -21.26 4.72 2.98
C LEU A 473 -21.32 5.28 4.39
N ASN A 474 -22.32 6.12 4.67
CA ASN A 474 -22.51 6.70 6.01
C ASN A 474 -23.07 5.61 6.93
N LEU A 475 -22.18 4.98 7.70
CA LEU A 475 -22.63 3.86 8.53
C LEU A 475 -23.68 4.29 9.54
N THR A 476 -23.55 5.51 10.08
CA THR A 476 -24.54 6.03 11.02
C THR A 476 -25.95 5.92 10.45
N GLN A 477 -26.12 6.18 9.15
CA GLN A 477 -27.42 6.04 8.51
C GLN A 477 -27.65 4.62 7.99
N ALA A 478 -26.61 3.98 7.46
CA ALA A 478 -26.81 2.67 6.85
C ALA A 478 -27.18 1.62 7.88
N ASN A 479 -26.67 1.73 9.10
CA ASN A 479 -26.84 0.70 10.12
C ASN A 479 -28.16 0.81 10.86
N ILE A 480 -29.01 1.78 10.52
CA ILE A 480 -30.35 1.88 11.09
C ILE A 480 -31.11 0.63 10.68
N PRO A 481 -31.66 -0.13 11.63
CA PRO A 481 -32.29 -1.40 11.29
C PRO A 481 -33.30 -1.25 10.16
N GLY A 482 -33.16 -2.11 9.15
CA GLY A 482 -34.04 -2.12 7.99
C GLY A 482 -33.68 -1.15 6.88
N ALA A 483 -32.74 -0.23 7.12
CA ALA A 483 -32.30 0.67 6.07
C ALA A 483 -31.57 -0.11 4.97
N ILE A 484 -31.62 0.43 3.77
CA ILE A 484 -30.91 -0.11 2.61
C ILE A 484 -29.73 0.81 2.32
N PRO A 485 -28.50 0.29 2.23
CA PRO A 485 -27.33 1.17 2.12
C PRO A 485 -27.39 2.01 0.85
N HIS A 486 -27.09 3.27 1.01
CA HIS A 486 -26.99 4.14 -0.11
C HIS A 486 -25.63 4.81 -0.07
N TRP A 487 -24.79 4.49 -1.04
CA TRP A 487 -23.47 5.09 -1.14
C TRP A 487 -23.64 6.51 -1.69
N GLN A 488 -22.99 7.47 -1.06
CA GLN A 488 -23.20 8.87 -1.39
C GLN A 488 -21.89 9.48 -1.92
N LEU A 489 -22.03 10.47 -2.80
CA LEU A 489 -20.88 11.26 -3.19
C LEU A 489 -20.45 12.12 -2.01
N LEU A 490 -19.21 11.95 -1.57
CA LEU A 490 -18.76 12.77 -0.44
C LEU A 490 -18.30 14.14 -0.91
N TYR A 491 -17.48 14.18 -1.96
CA TYR A 491 -16.97 15.39 -2.54
C TYR A 491 -16.30 15.16 -3.90
N ARG A 492 -16.04 16.25 -4.61
CA ARG A 492 -15.34 16.26 -5.87
C ARG A 492 -14.21 17.19 -5.60
N ALA A 493 -13.02 16.81 -5.97
CA ALA A 493 -11.86 17.58 -5.68
C ALA A 493 -11.77 19.00 -6.11
N ARG A 494 -11.92 19.27 -7.39
CA ARG A 494 -11.75 20.63 -7.91
C ARG A 494 -12.79 21.57 -7.30
N GLU A 495 -14.01 21.06 -7.14
CA GLU A 495 -15.10 21.85 -6.62
C GLU A 495 -14.85 22.26 -5.17
N THR A 496 -14.46 21.31 -4.31
CA THR A 496 -14.42 21.68 -2.90
C THR A 496 -13.19 22.50 -2.54
N TYR A 497 -12.07 22.31 -3.24
CA TYR A 497 -10.88 23.11 -2.98
C TYR A 497 -10.69 24.28 -3.96
N GLY A 498 -11.62 24.48 -4.89
CA GLY A 498 -11.42 25.54 -5.88
C GLY A 498 -10.18 25.39 -6.72
N LEU A 499 -9.88 24.17 -7.19
CA LEU A 499 -8.67 23.96 -7.99
C LEU A 499 -8.97 24.25 -9.46
N PRO A 500 -8.03 24.86 -10.18
CA PRO A 500 -8.21 25.06 -11.62
C PRO A 500 -7.96 23.76 -12.38
N ASN A 501 -7.12 22.91 -11.79
CA ASN A 501 -6.82 21.58 -12.31
C ASN A 501 -6.32 20.75 -11.14
N THR A 502 -5.90 19.52 -11.41
CA THR A 502 -5.34 18.65 -10.38
C THR A 502 -3.92 18.27 -10.70
N LEU A 503 -3.20 19.18 -11.33
CA LEU A 503 -1.78 18.97 -11.56
C LEU A 503 -0.99 19.17 -10.28
N PRO A 504 0.28 18.73 -10.27
CA PRO A 504 1.10 18.85 -9.03
C PRO A 504 1.08 20.23 -8.39
N THR A 505 1.07 21.30 -9.17
CA THR A 505 1.15 22.64 -8.56
C THR A 505 -0.09 22.97 -7.74
N ALA A 506 -1.26 22.45 -8.14
CA ALA A 506 -2.47 22.72 -7.38
C ALA A 506 -2.41 22.07 -6.00
N TRP A 507 -1.79 20.89 -5.90
CA TRP A 507 -1.68 20.21 -4.62
C TRP A 507 -0.60 20.84 -3.74
N HIS A 508 0.54 21.20 -4.33
CA HIS A 508 1.51 22.05 -3.67
C HIS A 508 0.83 23.30 -3.09
N ASN A 509 0.12 24.04 -3.96
CA ASN A 509 -0.53 25.27 -3.51
C ASN A 509 -1.51 25.00 -2.38
N LEU A 510 -2.26 23.89 -2.48
CA LEU A 510 -3.27 23.58 -1.48
C LEU A 510 -2.64 23.38 -0.11
N VAL A 511 -1.52 22.66 -0.06
CA VAL A 511 -0.84 22.48 1.21
C VAL A 511 -0.53 23.83 1.85
N TYR A 512 -0.01 24.79 1.06
CA TYR A 512 0.35 26.07 1.67
C TYR A 512 -0.84 26.96 1.93
N ARG A 513 -1.93 26.83 1.16
CA ARG A 513 -3.18 27.45 1.57
C ARG A 513 -3.65 26.88 2.90
N MET A 514 -3.56 25.55 3.07
CA MET A 514 -4.00 24.96 4.32
C MET A 514 -3.10 25.31 5.48
N ARG A 515 -1.84 25.67 5.23
CA ARG A 515 -0.98 26.11 6.32
C ARG A 515 -1.53 27.36 6.97
N GLY A 516 -2.23 28.18 6.20
CA GLY A 516 -2.64 29.46 6.72
C GLY A 516 -4.13 29.60 6.85
N ASP A 517 -4.89 28.57 6.51
CA ASP A 517 -6.35 28.66 6.54
C ASP A 517 -6.89 27.44 7.30
N MET A 518 -7.24 27.65 8.58
CA MET A 518 -7.64 26.52 9.43
C MET A 518 -8.94 25.91 8.95
N GLN A 519 -9.89 26.74 8.51
CA GLN A 519 -11.14 26.20 8.00
C GLN A 519 -10.90 25.33 6.78
N LEU A 520 -10.05 25.79 5.86
CA LEU A 520 -9.71 24.97 4.70
C LEU A 520 -9.07 23.67 5.15
N PHE A 521 -8.13 23.73 6.10
CA PHE A 521 -7.52 22.49 6.56
C PHE A 521 -8.53 21.58 7.26
N GLN A 522 -9.47 22.17 8.01
CA GLN A 522 -10.49 21.37 8.65
C GLN A 522 -11.36 20.65 7.63
N THR A 523 -11.63 21.29 6.49
CA THR A 523 -12.31 20.58 5.41
C THR A 523 -11.51 19.37 4.96
N PHE A 524 -10.23 19.61 4.64
CA PHE A 524 -9.36 18.52 4.22
C PHE A 524 -9.28 17.44 5.29
N TRP A 525 -9.18 17.85 6.55
CA TRP A 525 -9.13 16.88 7.66
C TRP A 525 -10.43 16.09 7.76
N PHE A 526 -11.56 16.75 7.50
CA PHE A 526 -12.85 16.04 7.41
C PHE A 526 -12.81 15.00 6.30
N LEU A 527 -12.50 15.41 5.06
CA LEU A 527 -12.48 14.47 3.95
C LEU A 527 -11.42 13.39 4.14
N TYR A 528 -10.32 13.72 4.81
CA TYR A 528 -9.24 12.79 5.07
C TYR A 528 -9.73 11.51 5.74
N HIS A 529 -10.67 11.65 6.68
CA HIS A 529 -11.26 10.53 7.42
C HIS A 529 -12.60 10.08 6.81
N LYS A 530 -12.83 10.39 5.53
CA LYS A 530 -14.04 9.96 4.81
C LYS A 530 -15.30 10.47 5.51
N GLY A 531 -15.25 11.71 5.97
CA GLY A 531 -16.40 12.30 6.60
C GLY A 531 -16.64 11.90 8.04
N HIS A 532 -15.73 11.15 8.64
CA HIS A 532 -15.88 10.74 10.03
C HIS A 532 -14.60 11.03 10.81
N PRO A 533 -14.23 12.31 10.94
CA PRO A 533 -12.97 12.67 11.64
C PRO A 533 -13.06 12.36 13.12
N PRO A 534 -11.91 12.29 13.80
CA PRO A 534 -11.91 12.12 15.27
C PRO A 534 -12.56 13.31 15.96
N SER A 535 -12.93 13.10 17.22
CA SER A 535 -13.45 14.20 18.03
C SER A 535 -12.34 15.02 18.65
N GLU A 536 -11.19 14.43 18.92
CA GLU A 536 -10.05 15.21 19.39
C GLU A 536 -9.68 16.21 18.30
N PRO A 537 -9.77 17.51 18.55
CA PRO A 537 -9.41 18.48 17.52
C PRO A 537 -7.95 18.33 17.10
N CYS A 538 -7.72 18.53 15.81
CA CYS A 538 -6.37 18.51 15.23
C CYS A 538 -5.84 19.94 15.25
N GLY A 539 -5.00 20.24 16.23
CA GLY A 539 -4.47 21.59 16.41
C GLY A 539 -3.23 21.84 15.57
N THR A 540 -2.41 22.77 16.05
CA THR A 540 -1.25 23.22 15.28
C THR A 540 -0.26 22.10 15.00
N PRO A 541 0.27 21.38 16.00
CA PRO A 541 1.21 20.30 15.67
C PRO A 541 0.60 19.24 14.77
N CYS A 542 -0.64 18.87 15.04
CA CYS A 542 -1.31 17.87 14.21
C CYS A 542 -1.42 18.37 12.78
N ARG A 543 -1.82 19.62 12.58
CA ARG A 543 -1.91 20.14 11.22
C ARG A 543 -0.56 20.11 10.52
N LEU A 544 0.49 20.64 11.18
CA LEU A 544 1.79 20.70 10.52
C LEU A 544 2.29 19.31 10.16
N ALA A 545 2.08 18.34 11.05
CA ALA A 545 2.48 16.97 10.75
C ALA A 545 1.68 16.41 9.57
N THR A 546 0.38 16.68 9.54
CA THR A 546 -0.43 16.25 8.40
C THR A 546 0.02 16.93 7.10
N LEU A 547 0.22 18.25 7.13
CA LEU A 547 0.68 18.93 5.93
C LEU A 547 2.05 18.43 5.52
N CYS A 548 2.93 18.15 6.48
CA CYS A 548 4.26 17.69 6.12
C CYS A 548 4.21 16.33 5.41
N ALA A 549 3.26 15.47 5.78
CA ALA A 549 3.14 14.19 5.10
C ALA A 549 2.77 14.37 3.62
N GLN A 550 1.93 15.37 3.31
CA GLN A 550 1.52 15.59 1.92
C GLN A 550 2.70 15.97 1.04
N LEU A 551 3.76 16.55 1.61
CA LEU A 551 4.93 16.92 0.83
C LEU A 551 6.03 15.88 0.91
N SER A 552 5.80 14.77 1.59
CA SER A 552 6.85 13.81 1.85
C SER A 552 6.67 12.58 0.96
N ALA A 553 6.95 12.78 -0.33
CA ALA A 553 6.93 11.65 -1.25
C ALA A 553 8.20 10.83 -1.15
N ARG A 554 9.22 11.39 -0.50
CA ARG A 554 10.47 10.70 -0.25
C ARG A 554 10.62 10.47 1.26
N ALA A 555 10.85 9.22 1.64
CA ALA A 555 11.10 8.88 3.04
C ALA A 555 12.34 9.58 3.58
N ASP A 556 12.29 9.89 4.88
CA ASP A 556 13.41 10.42 5.66
C ASP A 556 14.11 11.58 4.96
N SER A 557 13.30 12.52 4.47
CA SER A 557 13.77 13.74 3.82
C SER A 557 13.11 14.91 4.54
N PRO A 558 13.61 15.27 5.72
CA PRO A 558 13.01 16.38 6.48
C PRO A 558 13.08 17.72 5.76
N ALA A 559 14.07 17.92 4.87
CA ALA A 559 14.15 19.19 4.16
C ALA A 559 12.89 19.48 3.34
N LEU A 560 12.15 18.43 2.95
CA LEU A 560 10.93 18.63 2.17
C LEU A 560 9.93 19.48 2.93
N CYS A 561 9.99 19.45 4.27
CA CYS A 561 9.06 20.19 5.11
C CYS A 561 9.69 21.44 5.70
N ARG A 562 10.78 21.93 5.12
CA ARG A 562 11.49 23.07 5.69
C ARG A 562 10.59 24.31 5.75
N HIS A 563 9.67 24.46 4.80
CA HIS A 563 8.78 25.61 4.77
C HIS A 563 7.53 25.43 5.62
N LEU A 564 7.39 24.30 6.31
CA LEU A 564 6.29 24.10 7.23
C LEU A 564 6.70 24.23 8.69
N MET A 565 7.99 24.10 9.00
CA MET A 565 8.43 24.20 10.38
C MET A 565 9.81 24.82 10.42
C1 NAG B . 4.07 -25.05 2.15
C2 NAG B . 3.80 -26.36 2.89
C3 NAG B . 2.56 -26.21 3.77
C4 NAG B . 2.72 -25.01 4.69
C5 NAG B . 3.08 -23.76 3.91
C6 NAG B . 3.43 -22.61 4.81
C7 NAG B . 4.60 -28.37 1.78
C8 NAG B . 4.30 -29.46 0.78
N2 NAG B . 3.64 -27.47 1.96
O3 NAG B . 2.37 -27.38 4.55
O4 NAG B . 1.50 -24.76 5.38
O5 NAG B . 4.24 -24.00 3.09
O6 NAG B . 3.81 -23.10 6.09
O7 NAG B . 5.67 -28.33 2.38
C1 NAG B . 0.71 -25.24 6.42
C2 NAG B . -0.34 -24.27 6.96
C3 NAG B . -0.90 -24.79 8.28
C4 NAG B . -1.40 -26.23 8.14
C5 NAG B . -0.31 -27.10 7.53
C6 NAG B . -0.79 -28.51 7.23
C7 NAG B . -0.23 -21.86 6.52
C8 NAG B . 0.50 -20.58 6.81
N2 NAG B . 0.23 -22.95 7.14
O3 NAG B . -1.97 -23.95 8.70
O4 NAG B . -1.79 -26.75 9.40
O5 NAG B . 0.13 -26.54 6.28
O6 NAG B . -0.95 -28.73 5.82
O7 NAG B . -1.19 -21.90 5.76
C1 BMA B . -3.13 -26.84 9.86
C2 BMA B . -3.93 -27.04 8.61
C3 BMA B . -5.11 -27.91 8.92
C4 BMA B . -4.56 -29.22 9.41
C5 BMA B . -4.13 -28.93 10.82
C6 BMA B . -3.61 -30.18 11.48
O2 BMA B . -3.02 -27.68 7.72
O3 BMA B . -5.92 -28.09 7.77
O4 BMA B . -5.54 -30.26 9.38
O5 BMA B . -3.10 -27.93 10.80
O6 BMA B . -4.31 -31.35 11.05
C1 NAG C . 21.71 -8.15 -3.01
C2 NAG C . 23.15 -8.65 -3.01
C3 NAG C . 24.01 -7.80 -3.93
C4 NAG C . 23.39 -7.73 -5.32
C5 NAG C . 21.94 -7.25 -5.21
C6 NAG C . 21.22 -7.23 -6.54
C7 NAG C . 23.99 -9.78 -1.01
C8 NAG C . 24.58 -9.62 0.36
N2 NAG C . 23.70 -8.66 -1.67
O3 NAG C . 25.31 -8.38 -4.00
O4 NAG C . 24.12 -6.78 -6.10
O5 NAG C . 21.20 -8.13 -4.34
O6 NAG C . 20.29 -8.31 -6.64
O7 NAG C . 23.79 -10.89 -1.51
C1 NAG C . 24.69 -7.52 -7.22
C2 NAG C . 25.02 -6.44 -8.25
C3 NAG C . 25.93 -7.01 -9.33
C4 NAG C . 27.15 -7.67 -8.70
C5 NAG C . 26.73 -8.68 -7.65
C6 NAG C . 27.88 -9.28 -6.89
C7 NAG C . 23.24 -4.77 -8.37
C8 NAG C . 22.01 -4.32 -9.09
N2 NAG C . 23.81 -5.87 -8.83
O3 NAG C . 26.30 -5.97 -10.23
O4 NAG C . 27.94 -8.32 -9.70
O5 NAG C . 25.88 -8.05 -6.68
O6 NAG C . 27.45 -10.41 -6.13
O7 NAG C . 23.70 -4.14 -7.41
C1 BMA C . 29.02 -7.49 -10.12
C2 BMA C . 29.97 -8.47 -10.76
C3 BMA C . 31.17 -7.76 -11.31
C4 BMA C . 30.69 -6.80 -12.38
C5 BMA C . 29.60 -5.87 -11.84
C6 BMA C . 28.97 -4.97 -12.93
O2 BMA C . 29.30 -9.08 -11.85
O3 BMA C . 32.07 -8.76 -11.81
O4 BMA C . 31.82 -6.03 -12.78
O5 BMA C . 28.60 -6.58 -11.12
O6 BMA C . 27.56 -5.19 -13.17
C1 MAN C . 26.96 -4.12 -13.93
C2 MAN C . 26.24 -3.15 -13.03
C3 MAN C . 24.79 -3.51 -12.63
C4 MAN C . 24.12 -4.44 -13.63
C5 MAN C . 25.10 -5.42 -14.24
C6 MAN C . 24.46 -6.34 -15.26
O2 MAN C . 26.33 -1.86 -13.66
O3 MAN C . 23.95 -2.35 -12.52
O4 MAN C . 23.10 -5.15 -12.93
O5 MAN C . 26.08 -4.65 -14.89
O6 MAN C . 24.05 -5.58 -16.40
C1 MAN C . 23.66 -1.94 -11.18
C2 MAN C . 23.21 -0.48 -11.08
C3 MAN C . 24.24 0.43 -10.43
C4 MAN C . 24.95 -0.24 -9.28
C5 MAN C . 25.50 -1.57 -9.72
C6 MAN C . 26.19 -2.24 -8.53
O2 MAN C . 21.98 -0.46 -10.35
O3 MAN C . 23.66 1.58 -9.84
O4 MAN C . 25.99 0.63 -8.85
O5 MAN C . 24.48 -2.43 -10.15
O6 MAN C . 26.57 -3.57 -8.87
C1 NAG D . -23.87 10.59 8.40
C2 NAG D . -23.57 12.04 8.05
C3 NAG D . -23.82 12.94 9.26
C4 NAG D . -25.21 12.71 9.83
C5 NAG D . -25.41 11.22 10.11
C6 NAG D . -26.79 10.87 10.64
C7 NAG D . -21.91 12.39 6.30
C8 NAG D . -20.46 12.55 5.99
N2 NAG D . -22.21 12.21 7.59
O3 NAG D . -23.66 14.29 8.87
O4 NAG D . -25.36 13.43 11.05
O5 NAG D . -25.19 10.48 8.91
O6 NAG D . -27.80 11.71 10.09
O7 NAG D . -22.77 12.41 5.42
C1 NAG D . -26.31 14.43 11.15
C2 NAG D . -26.73 14.78 12.58
C3 NAG D . -27.70 15.95 12.55
C4 NAG D . -27.09 17.13 11.79
C5 NAG D . -26.59 16.70 10.41
C6 NAG D . -25.80 17.78 9.72
C7 NAG D . -26.66 12.95 14.20
C8 NAG D . -27.42 11.80 14.80
N2 NAG D . -27.31 13.64 13.25
O3 NAG D . -28.00 16.36 13.88
O4 NAG D . -28.06 18.18 11.67
O5 NAG D . -25.72 15.56 10.53
O6 NAG D . -24.67 18.16 10.49
O7 NAG D . -25.53 13.24 14.56
C1 NAG E . 48.21 -11.12 13.78
C2 NAG E . 49.29 -11.31 12.71
C3 NAG E . 49.98 -9.97 12.41
C4 NAG E . 48.95 -8.91 12.05
C5 NAG E . 47.86 -8.82 13.13
C6 NAG E . 46.74 -7.88 12.74
C7 NAG E . 50.09 -13.61 12.96
C8 NAG E . 51.21 -14.49 13.43
N2 NAG E . 50.28 -12.30 13.12
O3 NAG E . 50.88 -10.14 11.33
O4 NAG E . 49.58 -7.64 11.93
O5 NAG E . 47.28 -10.11 13.35
O6 NAG E . 45.46 -8.40 13.10
O7 NAG E . 49.06 -14.07 12.47
C1 NAG F . 24.07 6.09 -3.81
C2 NAG F . 25.30 5.77 -2.95
C3 NAG F . 25.23 6.54 -1.62
C4 NAG F . 24.99 8.03 -1.87
C5 NAG F . 23.76 8.22 -2.75
C6 NAG F . 23.49 9.66 -3.10
C7 NAG F . 25.96 3.49 -3.58
C8 NAG F . 26.00 2.05 -3.16
N2 NAG F . 25.43 4.35 -2.70
O3 NAG F . 26.44 6.36 -0.89
O4 NAG F . 24.82 8.72 -0.63
O5 NAG F . 23.94 7.51 -3.99
O6 NAG F . 22.17 10.04 -2.70
O7 NAG F . 26.40 3.86 -4.67
C1 NAG G . -9.21 4.00 -27.67
C2 NAG G . -10.21 2.85 -27.82
C3 NAG G . -9.80 1.92 -28.96
C4 NAG G . -9.56 2.71 -30.24
C5 NAG G . -8.56 3.83 -29.97
C6 NAG G . -8.32 4.71 -31.18
C7 NAG G . -9.42 1.42 -25.96
C8 NAG G . -9.82 0.73 -24.68
N2 NAG G . -10.38 2.12 -26.57
O3 NAG G . -10.82 0.94 -29.17
O4 NAG G . -9.06 1.88 -31.28
O5 NAG G . -9.06 4.68 -28.92
O6 NAG G . -9.48 5.48 -31.46
O7 NAG G . -8.27 1.34 -26.42
ZN ZN H . -1.81 -2.11 3.34
ZN ZN I . -5.10 -1.78 4.19
S SO4 J . 3.24 2.25 6.81
O1 SO4 J . 3.66 1.19 5.89
O2 SO4 J . 2.52 1.65 7.93
O3 SO4 J . 4.43 2.94 7.31
O4 SO4 J . 2.39 3.21 6.14
S SO4 K . 21.12 -28.31 20.56
O1 SO4 K . 19.98 -29.11 20.14
O2 SO4 K . 22.11 -29.20 21.18
O3 SO4 K . 21.70 -27.64 19.41
O4 SO4 K . 20.68 -27.32 21.55
S SO4 L . -2.10 -22.03 17.45
O1 SO4 L . -2.95 -22.86 16.59
O2 SO4 L . -1.33 -22.85 18.37
O3 SO4 L . -1.16 -21.29 16.60
O4 SO4 L . -2.93 -21.10 18.23
S SO4 M . 1.65 21.11 -27.22
O1 SO4 M . 0.67 20.14 -26.74
O2 SO4 M . 2.70 20.42 -27.96
O3 SO4 M . 2.23 21.84 -26.09
O4 SO4 M . 0.98 22.05 -28.11
S SO4 N . 15.93 -20.85 -0.45
O1 SO4 N . 15.97 -22.09 -1.22
O2 SO4 N . 15.80 -21.13 0.98
O3 SO4 N . 17.13 -20.07 -0.70
O4 SO4 N . 14.77 -20.08 -0.88
S SO4 O . -2.64 18.61 18.40
O1 SO4 O . -3.89 18.16 17.79
O2 SO4 O . -2.04 17.48 19.10
O3 SO4 O . -1.73 19.09 17.36
O4 SO4 O . -2.90 19.71 19.31
S SO4 P . -11.30 10.45 19.21
O1 SO4 P . -11.88 10.69 20.54
O2 SO4 P . -10.79 9.09 19.13
O3 SO4 P . -10.24 11.46 19.05
O4 SO4 P . -12.31 10.58 18.18
S SO4 Q . -8.57 30.64 9.89
O1 SO4 Q . -9.45 29.71 9.18
O2 SO4 Q . -8.55 30.34 11.32
O3 SO4 Q . -7.21 30.53 9.39
O4 SO4 Q . -9.06 32.00 9.69
S SO4 R . 0.62 31.48 6.43
O1 SO4 R . 1.13 30.28 5.79
O2 SO4 R . 0.24 31.17 7.81
O3 SO4 R . 1.63 32.54 6.42
O4 SO4 R . -0.55 31.96 5.69
S SO4 S . 3.22 -24.42 9.57
O1 SO4 S . 2.44 -25.65 9.74
O2 SO4 S . 4.57 -24.74 9.12
O3 SO4 S . 3.26 -23.71 10.85
O4 SO4 S . 2.60 -23.55 8.57
S SO4 T . -12.47 4.90 -25.59
O1 SO4 T . -11.85 3.62 -25.91
O2 SO4 T . -13.89 4.92 -25.91
O3 SO4 T . -11.92 5.99 -26.36
O4 SO4 T . -12.24 5.16 -24.17
P1 PC U . -2.86 -1.88 6.32
O1 PC U . -4.13 -2.61 6.36
O3 PC U . -1.81 -2.90 6.25
O4 PC U . -2.78 -1.24 4.99
O2 PC U . -2.72 -0.90 7.63
C1 PC U . -3.77 -0.05 8.03
C2 PC U . -3.34 1.42 7.91
N1 PC U . -2.06 1.77 8.56
C3 PC U . -1.86 1.07 9.82
C4 PC U . -2.08 3.18 8.85
C5 PC U . -0.94 1.50 7.67
#